data_3S57
#
_entry.id   3S57
#
_cell.length_a   45.966
_cell.length_b   60.544
_cell.length_c   65.455
_cell.angle_alpha   90.00
_cell.angle_beta   90.85
_cell.angle_gamma   90.00
#
_symmetry.space_group_name_H-M   'P 1 21 1'
#
loop_
_entity.id
_entity.type
_entity.pdbx_description
1 polymer 'Alpha-ketoglutarate-dependent dioxygenase alkB homolog 2'
2 polymer "5'-D(*CP*TP*GP*TP*CP*AP*TP*CP*AP*CP*TP*GP*CP*G)-3'"
3 polymer "5'-D(*TP*CP*GP*CP*AP*GP*TP*GP*AP*TP*GP*AP*CP*A)-3'"
4 non-polymer 'MANGANESE (II) ION'
5 non-polymer '2-OXOGLUTARIC ACID'
6 non-polymer GLYCEROL
7 non-polymer propane-1-thiol
8 water water
#
loop_
_entity_poly.entity_id
_entity_poly.type
_entity_poly.pdbx_seq_one_letter_code
_entity_poly.pdbx_strand_id
1 'polypeptide(L)'
;MSWRHIRAEGLDSSYTVLFGKAEADEIFQELEKEVEYFTGALARVQVFGKWHSVPRKQATYGDAGLTYTFSGLTLSPKPW
IPVLERIRDHVSGVTGQTFNFVLINRYKDGSDHICEHRDDERELAPGSPIASVSFGASRDFVFRHKDSRGKSPSRRVAVV
RLPLAHGSLLMMNHPTNTHWYHSLPVRKKVLAPRVNLTFRKILL
;
A
2 'polydeoxyribonucleotide' (DC)(DT)(DG)(DT)(DC)(DA)(DT)(DC)(DA)(DC)(DT)(DG)(DC)(DG) B
3 'polydeoxyribonucleotide' (DT)(DC)(DG)(DC)(DA)(DG)(DT)(DG)(DA)(DT)(DG)(DA)(DC)(DA) C
#
loop_
_chem_comp.id
_chem_comp.type
_chem_comp.name
_chem_comp.formula
AKG non-polymer '2-OXOGLUTARIC ACID' 'C5 H6 O5'
DA DNA linking 2'-DEOXYADENOSINE-5'-MONOPHOSPHATE 'C10 H14 N5 O6 P'
DC DNA linking 2'-DEOXYCYTIDINE-5'-MONOPHOSPHATE 'C9 H14 N3 O7 P'
DG DNA linking 2'-DEOXYGUANOSINE-5'-MONOPHOSPHATE 'C10 H14 N5 O7 P'
DT DNA linking THYMIDINE-5'-MONOPHOSPHATE 'C10 H15 N2 O8 P'
GOL non-polymer GLYCEROL 'C3 H8 O3'
MN non-polymer 'MANGANESE (II) ION' 'Mn 2'
XL3 non-polymer propane-1-thiol 'C3 H8 S'
#
# COMPACT_ATOMS: atom_id res chain seq x y z
N MET A 1 18.65 6.45 11.94
CA MET A 1 17.52 6.41 10.97
C MET A 1 17.01 7.81 10.65
N SER A 2 16.86 8.09 9.36
CA SER A 2 16.57 9.43 8.87
C SER A 2 15.21 9.46 8.19
N TRP A 3 14.40 10.48 8.47
CA TRP A 3 13.07 10.60 7.87
C TRP A 3 13.00 11.77 6.91
N ARG A 4 12.44 11.50 5.73
CA ARG A 4 12.14 12.53 4.74
C ARG A 4 10.69 12.96 4.89
N HIS A 5 10.48 14.24 5.19
CA HIS A 5 9.14 14.80 5.25
C HIS A 5 8.72 15.19 3.84
N ILE A 6 7.62 14.57 3.42
CA ILE A 6 7.03 14.85 2.13
C ILE A 6 5.88 15.80 2.36
N ARG A 7 6.03 17.00 1.80
CA ARG A 7 5.15 18.10 2.09
C ARG A 7 4.67 18.76 0.82
N ALA A 8 3.36 18.95 0.73
CA ALA A 8 2.75 19.77 -0.30
C ALA A 8 1.39 20.24 0.21
N GLU A 9 0.65 20.97 -0.61
CA GLU A 9 -0.67 21.44 -0.19
C GLU A 9 -1.60 20.25 0.14
N GLY A 10 -1.96 20.13 1.41
CA GLY A 10 -2.83 19.04 1.89
C GLY A 10 -2.18 17.66 1.81
N LEU A 11 -0.86 17.63 1.70
CA LEU A 11 -0.09 16.37 1.66
C LEU A 11 0.88 16.36 2.83
N ASP A 12 0.80 15.31 3.66
CA ASP A 12 1.78 15.11 4.72
C ASP A 12 2.11 13.64 4.82
N SER A 13 3.30 13.29 4.36
CA SER A 13 3.78 11.92 4.48
C SER A 13 5.22 11.90 4.96
N SER A 14 5.68 10.74 5.42
CA SER A 14 7.04 10.62 5.92
C SER A 14 7.62 9.32 5.39
N TYR A 15 8.88 9.37 4.97
CA TYR A 15 9.52 8.25 4.30
C TYR A 15 10.86 7.92 4.93
N THR A 16 11.10 6.65 5.21
CA THR A 16 12.42 6.21 5.68
C THR A 16 12.71 4.81 5.18
N VAL A 17 13.99 4.47 5.15
CA VAL A 17 14.37 3.08 4.95
C VAL A 17 14.41 2.43 6.33
N LEU A 18 13.34 1.69 6.62
CA LEU A 18 13.11 1.14 7.95
C LEU A 18 13.91 -0.14 8.22
N PHE A 19 14.07 -0.97 7.19
CA PHE A 19 14.81 -2.23 7.29
C PHE A 19 16.09 -2.16 6.47
N GLY A 20 17.21 -2.52 7.08
CA GLY A 20 18.48 -2.59 6.37
C GLY A 20 18.44 -3.72 5.35
N LYS A 21 19.40 -3.72 4.44
CA LYS A 21 19.42 -4.66 3.31
C LYS A 21 19.33 -6.12 3.72
N ALA A 22 20.17 -6.53 4.66
CA ALA A 22 20.18 -7.92 5.11
C ALA A 22 18.81 -8.36 5.65
N GLU A 23 18.23 -7.55 6.52
CA GLU A 23 16.93 -7.85 7.10
C GLU A 23 15.82 -7.82 6.04
N ALA A 24 15.87 -6.79 5.19
CA ALA A 24 14.87 -6.63 4.13
C ALA A 24 14.93 -7.81 3.14
N ASP A 25 16.14 -8.28 2.85
CA ASP A 25 16.32 -9.45 1.99
C ASP A 25 15.68 -10.70 2.63
N GLU A 26 15.91 -10.90 3.93
CA GLU A 26 15.34 -12.05 4.66
C GLU A 26 13.82 -12.01 4.64
N ILE A 27 13.29 -10.83 4.97
CA ILE A 27 11.85 -10.62 4.98
C ILE A 27 11.23 -10.89 3.61
N PHE A 28 11.84 -10.35 2.55
CA PHE A 28 11.34 -10.57 1.19
C PHE A 28 11.27 -12.06 0.85
N GLN A 29 12.33 -12.79 1.16
CA GLN A 29 12.38 -14.22 0.90
C GLN A 29 11.24 -14.94 1.62
N GLU A 30 11.02 -14.60 2.89
N GLU A 30 10.99 -14.57 2.87
CA GLU A 30 9.94 -15.19 3.65
CA GLU A 30 9.95 -15.20 3.65
C GLU A 30 8.54 -14.78 3.16
C GLU A 30 8.54 -14.82 3.16
N LEU A 31 8.35 -13.55 2.77
CA LEU A 31 7.08 -13.16 2.18
C LEU A 31 6.79 -13.96 0.89
N GLU A 32 7.81 -14.14 0.06
CA GLU A 32 7.64 -14.83 -1.19
C GLU A 32 7.27 -16.31 -0.97
N LYS A 33 7.83 -16.91 0.07
CA LYS A 33 7.49 -18.29 0.38
C LYS A 33 6.08 -18.40 0.96
N GLU A 34 5.73 -17.50 1.87
CA GLU A 34 4.59 -17.74 2.75
C GLU A 34 3.27 -17.06 2.43
N VAL A 35 3.32 -15.88 1.80
CA VAL A 35 2.07 -15.15 1.58
C VAL A 35 1.15 -15.94 0.64
N GLU A 36 -0.12 -16.04 1.03
CA GLU A 36 -1.12 -16.72 0.21
C GLU A 36 -1.99 -15.67 -0.48
N TYR A 37 -1.89 -15.61 -1.81
CA TYR A 37 -2.62 -14.59 -2.58
C TYR A 37 -3.99 -15.06 -3.09
N PHE A 38 -4.88 -14.10 -3.33
CA PHE A 38 -6.23 -14.42 -3.80
C PHE A 38 -6.20 -15.08 -5.15
N THR A 39 -7.12 -16.03 -5.36
CA THR A 39 -7.39 -16.59 -6.67
C THR A 39 -8.89 -16.48 -6.94
N GLY A 40 -9.31 -16.76 -8.17
CA GLY A 40 -10.75 -16.76 -8.49
C GLY A 40 -11.37 -15.38 -8.52
N ALA A 41 -12.61 -15.27 -8.06
CA ALA A 41 -13.40 -14.02 -8.13
C ALA A 41 -12.71 -12.80 -7.54
N LEU A 42 -12.01 -12.97 -6.42
CA LEU A 42 -11.37 -11.83 -5.77
C LEU A 42 -10.21 -11.26 -6.59
N ALA A 43 -9.74 -12.02 -7.57
CA ALA A 43 -8.66 -11.57 -8.47
C ALA A 43 -9.22 -10.99 -9.78
N ARG A 44 -10.53 -10.80 -9.84
CA ARG A 44 -11.16 -10.15 -10.99
C ARG A 44 -11.85 -8.85 -10.60
N VAL A 45 -11.92 -7.92 -11.55
CA VAL A 45 -12.54 -6.62 -11.31
C VAL A 45 -13.25 -6.15 -12.56
N GLN A 46 -14.44 -5.59 -12.39
CA GLN A 46 -15.22 -5.06 -13.49
C GLN A 46 -15.00 -3.56 -13.56
N VAL A 47 -14.64 -3.10 -14.74
CA VAL A 47 -14.30 -1.70 -14.93
C VAL A 47 -14.93 -1.22 -16.25
N PHE A 48 -15.83 -0.25 -16.15
CA PHE A 48 -16.60 0.21 -17.32
C PHE A 48 -17.25 -0.94 -18.06
N GLY A 49 -17.74 -1.91 -17.27
CA GLY A 49 -18.53 -3.02 -17.81
C GLY A 49 -17.73 -4.15 -18.42
N LYS A 50 -16.41 -4.09 -18.27
CA LYS A 50 -15.54 -5.14 -18.77
C LYS A 50 -14.77 -5.79 -17.62
N TRP A 51 -14.68 -7.11 -17.64
CA TRP A 51 -13.96 -7.85 -16.60
C TRP A 51 -12.48 -7.99 -16.91
N HIS A 52 -11.65 -7.67 -15.92
CA HIS A 52 -10.20 -7.82 -16.04
C HIS A 52 -9.65 -8.55 -14.84
N SER A 53 -8.44 -9.09 -14.99
CA SER A 53 -7.71 -9.51 -13.80
C SER A 53 -7.16 -8.30 -13.06
N VAL A 54 -7.19 -8.34 -11.74
CA VAL A 54 -6.53 -7.28 -10.95
C VAL A 54 -5.03 -7.34 -11.31
N PRO A 55 -4.44 -6.20 -11.70
CA PRO A 55 -3.04 -6.24 -12.20
C PRO A 55 -1.95 -6.24 -11.12
N ARG A 56 -2.11 -7.17 -10.18
CA ARG A 56 -1.18 -7.41 -9.08
C ARG A 56 -1.85 -8.50 -8.26
N LYS A 57 -1.08 -9.30 -7.55
CA LYS A 57 -1.66 -10.25 -6.63
C LYS A 57 -1.97 -9.54 -5.32
N GLN A 58 -3.00 -10.02 -4.60
CA GLN A 58 -3.40 -9.39 -3.36
C GLN A 58 -3.72 -10.40 -2.27
N ALA A 59 -3.58 -9.97 -1.03
CA ALA A 59 -3.93 -10.77 0.14
C ALA A 59 -4.19 -9.84 1.30
N THR A 60 -5.04 -10.31 2.23
CA THR A 60 -5.21 -9.59 3.50
C THR A 60 -4.93 -10.49 4.70
N TYR A 61 -4.33 -9.89 5.73
CA TYR A 61 -4.07 -10.55 6.99
C TYR A 61 -4.46 -9.58 8.10
N GLY A 62 -4.77 -10.09 9.28
CA GLY A 62 -5.19 -9.20 10.36
C GLY A 62 -5.52 -9.91 11.63
N ASP A 63 -5.89 -9.12 12.64
CA ASP A 63 -6.26 -9.67 13.94
C ASP A 63 -7.45 -10.62 13.85
N ALA A 64 -7.54 -11.57 14.80
CA ALA A 64 -8.69 -12.45 14.91
C ALA A 64 -9.97 -11.67 15.13
N GLY A 65 -11.06 -12.14 14.51
CA GLY A 65 -12.39 -11.57 14.72
C GLY A 65 -12.70 -10.34 13.89
N LEU A 66 -11.73 -9.89 13.10
CA LEU A 66 -11.93 -8.75 12.22
C LEU A 66 -12.57 -9.19 10.93
N THR A 67 -13.45 -8.34 10.41
CA THR A 67 -13.97 -8.47 9.05
C THR A 67 -13.82 -7.13 8.34
N TYR A 68 -13.86 -7.17 7.01
CA TYR A 68 -13.76 -5.95 6.21
C TYR A 68 -14.62 -6.11 4.98
N THR A 69 -14.79 -5.04 4.22
CA THR A 69 -15.52 -5.13 2.97
C THR A 69 -14.61 -4.99 1.75
N PHE A 70 -14.87 -5.88 0.79
N PHE A 70 -14.73 -5.96 0.86
CA PHE A 70 -14.28 -5.84 -0.55
CA PHE A 70 -14.38 -5.67 -0.50
C PHE A 70 -15.54 -5.75 -1.46
C PHE A 70 -15.71 -5.61 -1.22
N SER A 71 -15.83 -4.58 -2.04
CA SER A 71 -17.01 -4.40 -2.94
C SER A 71 -18.38 -4.96 -2.45
N GLY A 72 -18.87 -4.47 -1.31
CA GLY A 72 -20.15 -4.94 -0.75
C GLY A 72 -20.12 -6.26 0.01
N LEU A 73 -19.07 -7.05 -0.22
CA LEU A 73 -18.89 -8.38 0.40
C LEU A 73 -18.11 -8.32 1.71
N THR A 74 -18.62 -9.01 2.73
CA THR A 74 -17.96 -9.09 4.04
C THR A 74 -16.97 -10.25 4.07
N LEU A 75 -15.70 -9.90 4.33
CA LEU A 75 -14.60 -10.87 4.32
C LEU A 75 -13.80 -10.88 5.63
N SER A 76 -13.10 -11.99 5.88
CA SER A 76 -12.20 -12.13 7.01
C SER A 76 -10.77 -12.21 6.51
N PRO A 77 -9.86 -11.42 7.09
CA PRO A 77 -8.47 -11.58 6.67
C PRO A 77 -7.88 -12.86 7.22
N LYS A 78 -6.78 -13.31 6.65
CA LYS A 78 -6.10 -14.49 7.14
C LYS A 78 -5.40 -14.18 8.47
N PRO A 79 -5.24 -15.19 9.33
CA PRO A 79 -4.53 -14.97 10.59
C PRO A 79 -3.10 -14.54 10.36
N TRP A 80 -2.57 -13.69 11.23
CA TRP A 80 -1.17 -13.28 11.10
C TRP A 80 -0.24 -14.48 11.00
N ILE A 81 0.79 -14.31 10.18
CA ILE A 81 1.93 -15.22 10.19
C ILE A 81 3.15 -14.47 10.71
N PRO A 82 4.13 -15.18 11.25
CA PRO A 82 5.23 -14.51 11.95
C PRO A 82 5.95 -13.41 11.19
N VAL A 83 6.22 -13.60 9.90
CA VAL A 83 6.96 -12.56 9.15
C VAL A 83 6.15 -11.24 9.13
N LEU A 84 4.84 -11.35 9.04
CA LEU A 84 3.98 -10.15 9.02
C LEU A 84 3.93 -9.50 10.39
N GLU A 85 3.87 -10.33 11.44
CA GLU A 85 3.94 -9.80 12.81
C GLU A 85 5.28 -9.14 13.08
N ARG A 86 6.36 -9.70 12.53
CA ARG A 86 7.72 -9.10 12.64
C ARG A 86 7.73 -7.70 12.02
N ILE A 87 7.15 -7.57 10.84
CA ILE A 87 7.12 -6.27 10.15
C ILE A 87 6.28 -5.28 10.95
N ARG A 88 5.07 -5.70 11.33
CA ARG A 88 4.13 -4.86 12.05
C ARG A 88 4.75 -4.36 13.35
N ASP A 89 5.41 -5.28 14.08
CA ASP A 89 6.03 -4.92 15.36
C ASP A 89 7.13 -3.91 15.20
N HIS A 90 7.91 -4.03 14.13
CA HIS A 90 8.96 -3.04 13.90
C HIS A 90 8.39 -1.67 13.56
N VAL A 91 7.35 -1.65 12.72
CA VAL A 91 6.67 -0.39 12.38
C VAL A 91 6.10 0.27 13.65
N SER A 92 5.40 -0.52 14.46
CA SER A 92 4.81 -0.01 15.70
C SER A 92 5.84 0.44 16.73
N GLY A 93 6.94 -0.31 16.84
CA GLY A 93 8.00 0.02 17.81
C GLY A 93 8.65 1.35 17.48
N VAL A 94 8.81 1.61 16.19
CA VAL A 94 9.47 2.82 15.72
C VAL A 94 8.53 4.03 15.75
N THR A 95 7.31 3.85 15.25
CA THR A 95 6.39 4.97 15.04
C THR A 95 5.43 5.24 16.19
N GLY A 96 5.20 4.22 17.03
CA GLY A 96 4.17 4.30 18.06
C GLY A 96 2.75 4.14 17.53
N GLN A 97 2.61 3.82 16.24
CA GLN A 97 1.29 3.59 15.64
C GLN A 97 1.02 2.10 15.67
N THR A 98 -0.23 1.72 15.89
CA THR A 98 -0.59 0.30 15.93
C THR A 98 -1.58 -0.04 14.83
N PHE A 99 -1.45 -1.25 14.28
CA PHE A 99 -2.27 -1.66 13.15
C PHE A 99 -2.88 -3.03 13.43
N ASN A 100 -4.05 -3.28 12.85
CA ASN A 100 -4.69 -4.58 13.07
C ASN A 100 -4.99 -5.31 11.76
N PHE A 101 -4.51 -4.74 10.65
CA PHE A 101 -4.87 -5.22 9.33
C PHE A 101 -3.77 -4.87 8.34
N VAL A 102 -3.54 -5.72 7.35
CA VAL A 102 -2.61 -5.40 6.27
C VAL A 102 -3.17 -5.88 4.93
N LEU A 103 -3.10 -5.01 3.91
CA LEU A 103 -3.34 -5.39 2.51
C LEU A 103 -2.00 -5.57 1.84
N ILE A 104 -1.80 -6.74 1.26
CA ILE A 104 -0.54 -7.03 0.56
C ILE A 104 -0.82 -6.98 -0.94
N ASN A 105 0.02 -6.23 -1.64
CA ASN A 105 -0.05 -6.13 -3.12
C ASN A 105 1.30 -6.60 -3.64
N ARG A 106 1.29 -7.59 -4.52
CA ARG A 106 2.54 -8.07 -5.13
C ARG A 106 2.52 -7.76 -6.63
N TYR A 107 3.52 -6.99 -7.05
CA TYR A 107 3.66 -6.57 -8.42
C TYR A 107 4.75 -7.46 -9.02
N LYS A 108 4.37 -8.35 -9.94
CA LYS A 108 5.32 -9.37 -10.44
C LYS A 108 6.52 -8.72 -11.16
N ASP A 109 6.24 -7.59 -11.80
CA ASP A 109 7.22 -6.80 -12.52
C ASP A 109 6.57 -5.45 -12.81
N GLY A 110 7.22 -4.65 -13.64
CA GLY A 110 6.75 -3.30 -13.93
C GLY A 110 5.44 -3.18 -14.68
N SER A 111 4.91 -4.31 -15.17
N SER A 111 4.92 -4.30 -15.19
CA SER A 111 3.60 -4.32 -15.87
CA SER A 111 3.64 -4.26 -15.85
C SER A 111 2.43 -4.49 -14.90
C SER A 111 2.48 -4.35 -14.86
N ASP A 112 2.71 -4.97 -13.70
CA ASP A 112 1.70 -4.93 -12.63
C ASP A 112 1.73 -3.51 -12.04
N HIS A 113 0.58 -2.99 -11.65
CA HIS A 113 0.48 -1.58 -11.27
C HIS A 113 -0.80 -1.34 -10.50
N ILE A 114 -0.96 -0.12 -10.00
CA ILE A 114 -2.26 0.30 -9.43
C ILE A 114 -2.55 1.73 -9.89
N CYS A 115 -3.75 1.94 -10.43
CA CYS A 115 -4.14 3.27 -10.91
C CYS A 115 -4.36 4.28 -9.76
N GLU A 116 -4.37 5.55 -10.12
N GLU A 116 -4.40 5.57 -10.09
CA GLU A 116 -4.70 6.67 -9.23
CA GLU A 116 -4.59 6.60 -9.08
C GLU A 116 -5.92 6.37 -8.33
C GLU A 116 -5.87 6.39 -8.32
N HIS A 117 -5.74 6.46 -7.01
CA HIS A 117 -6.85 6.24 -6.08
C HIS A 117 -6.59 6.86 -4.74
N ARG A 118 -7.65 6.97 -3.96
CA ARG A 118 -7.56 7.32 -2.53
C ARG A 118 -8.05 6.10 -1.77
N ASP A 119 -7.39 5.78 -0.66
N ASP A 119 -7.39 5.79 -0.66
CA ASP A 119 -7.81 4.64 0.16
CA ASP A 119 -7.80 4.66 0.17
C ASP A 119 -9.17 4.89 0.79
C ASP A 119 -9.20 4.91 0.75
N ASP A 120 -9.99 3.85 0.81
CA ASP A 120 -11.34 3.90 1.38
C ASP A 120 -11.16 4.02 2.88
N GLU A 121 -11.65 5.12 3.45
CA GLU A 121 -11.46 5.43 4.86
C GLU A 121 -12.70 5.09 5.68
N ARG A 122 -13.72 4.58 5.02
CA ARG A 122 -15.04 4.35 5.62
C ARG A 122 -15.00 3.43 6.84
N GLU A 123 -14.22 2.36 6.76
CA GLU A 123 -14.11 1.42 7.89
C GLU A 123 -12.79 1.58 8.65
N LEU A 124 -12.05 2.63 8.31
CA LEU A 124 -10.82 2.94 9.02
C LEU A 124 -11.09 3.78 10.25
N ALA A 125 -10.28 3.59 11.29
CA ALA A 125 -10.37 4.41 12.48
C ALA A 125 -10.15 5.87 12.08
N PRO A 126 -10.99 6.79 12.59
CA PRO A 126 -10.93 8.17 12.11
C PRO A 126 -9.55 8.79 12.33
N GLY A 127 -9.05 9.48 11.32
CA GLY A 127 -7.77 10.18 11.41
C GLY A 127 -6.52 9.31 11.37
N SER A 128 -6.71 7.99 11.25
CA SER A 128 -5.59 7.04 11.30
C SER A 128 -4.69 7.10 10.08
N PRO A 129 -3.37 6.96 10.28
CA PRO A 129 -2.46 6.91 9.15
C PRO A 129 -2.45 5.55 8.51
N ILE A 130 -1.85 5.47 7.33
CA ILE A 130 -1.61 4.19 6.67
C ILE A 130 -0.11 4.04 6.49
N ALA A 131 0.40 2.86 6.83
CA ALA A 131 1.83 2.60 6.83
C ALA A 131 2.12 1.67 5.67
N SER A 132 2.89 2.15 4.70
CA SER A 132 3.17 1.39 3.48
C SER A 132 4.62 0.91 3.50
N VAL A 133 4.81 -0.41 3.58
CA VAL A 133 6.13 -1.00 3.70
C VAL A 133 6.42 -1.80 2.42
N SER A 134 7.61 -1.62 1.84
CA SER A 134 7.91 -2.19 0.53
C SER A 134 9.14 -3.05 0.57
N PHE A 135 9.07 -4.19 -0.13
CA PHE A 135 10.20 -5.11 -0.27
C PHE A 135 10.35 -5.54 -1.71
N GLY A 136 11.59 -5.73 -2.14
CA GLY A 136 11.86 -6.16 -3.51
C GLY A 136 12.29 -5.02 -4.39
N ALA A 137 11.81 -5.01 -5.63
CA ALA A 137 12.20 -4.00 -6.61
C ALA A 137 11.70 -2.63 -6.16
N SER A 138 12.55 -1.63 -6.31
N SER A 138 12.54 -1.62 -6.37
CA SER A 138 12.12 -0.24 -6.19
CA SER A 138 12.14 -0.21 -6.23
C SER A 138 11.04 0.02 -7.24
C SER A 138 11.11 0.15 -7.29
N ARG A 139 10.01 0.76 -6.86
CA ARG A 139 8.98 1.20 -7.80
C ARG A 139 8.64 2.65 -7.55
N ASP A 140 8.43 3.38 -8.64
CA ASP A 140 8.00 4.78 -8.59
C ASP A 140 6.57 4.89 -8.06
N PHE A 141 6.38 5.83 -7.14
CA PHE A 141 5.07 6.10 -6.52
C PHE A 141 4.76 7.57 -6.79
N VAL A 142 3.50 7.85 -7.10
CA VAL A 142 3.11 9.19 -7.53
C VAL A 142 1.90 9.67 -6.76
N PHE A 143 2.00 10.87 -6.17
CA PHE A 143 0.84 11.55 -5.57
C PHE A 143 0.37 12.64 -6.54
N ARG A 144 -0.94 12.71 -6.78
CA ARG A 144 -1.51 13.76 -7.62
C ARG A 144 -2.66 14.39 -6.88
N HIS A 145 -2.71 15.71 -6.83
CA HIS A 145 -3.75 16.41 -6.09
C HIS A 145 -5.10 16.23 -6.75
N LYS A 146 -6.13 16.06 -5.94
CA LYS A 146 -7.48 15.80 -6.43
C LYS A 146 -8.01 16.82 -7.43
N ASP A 147 -7.61 18.08 -7.28
CA ASP A 147 -8.09 19.14 -8.17
C ASP A 147 -7.14 19.40 -9.34
N SER A 148 -6.17 18.51 -9.52
CA SER A 148 -5.22 18.65 -10.60
C SER A 148 -5.21 17.42 -11.54
N ARG A 149 -6.34 16.75 -11.63
CA ARG A 149 -6.50 15.51 -12.39
C ARG A 149 -7.35 15.69 -13.63
N GLY A 150 -7.16 14.84 -14.63
CA GLY A 150 -7.96 14.90 -15.84
C GLY A 150 -7.51 15.93 -16.86
N LYS A 151 -8.36 16.13 -17.87
CA LYS A 151 -8.05 16.90 -19.07
C LYS A 151 -7.93 18.40 -18.81
N SER A 152 -8.84 18.91 -17.98
CA SER A 152 -8.88 20.32 -17.69
C SER A 152 -9.01 20.54 -16.18
N PRO A 153 -7.93 20.27 -15.44
CA PRO A 153 -7.94 20.38 -13.99
C PRO A 153 -8.14 21.82 -13.55
N SER A 154 -8.86 21.99 -12.46
CA SER A 154 -9.11 23.32 -11.94
C SER A 154 -7.87 23.97 -11.34
N ARG A 155 -6.92 23.15 -10.94
CA ARG A 155 -5.67 23.65 -10.39
C ARG A 155 -4.47 22.93 -11.00
N ARG A 156 -3.31 23.57 -10.98
CA ARG A 156 -2.09 22.99 -11.53
C ARG A 156 -1.06 22.74 -10.42
N VAL A 157 -1.52 22.05 -9.36
CA VAL A 157 -0.67 21.63 -8.25
C VAL A 157 0.28 20.56 -8.76
N ALA A 158 1.57 20.76 -8.50
CA ALA A 158 2.61 19.87 -8.95
C ALA A 158 2.45 18.47 -8.37
N VAL A 159 2.72 17.50 -9.22
CA VAL A 159 2.76 16.09 -8.83
C VAL A 159 3.95 15.85 -7.89
N VAL A 160 3.80 14.90 -6.96
CA VAL A 160 4.89 14.54 -6.05
C VAL A 160 5.29 13.10 -6.36
N ARG A 161 6.54 12.91 -6.74
CA ARG A 161 7.04 11.61 -7.18
C ARG A 161 8.14 11.14 -6.24
N LEU A 162 8.09 9.88 -5.83
CA LEU A 162 9.28 9.29 -5.22
C LEU A 162 9.35 7.78 -5.44
N PRO A 163 10.56 7.24 -5.54
CA PRO A 163 10.69 5.80 -5.54
C PRO A 163 10.54 5.23 -4.15
N LEU A 164 9.84 4.11 -4.06
CA LEU A 164 9.75 3.39 -2.80
C LEU A 164 10.73 2.25 -2.87
N ALA A 165 11.76 2.33 -2.02
CA ALA A 165 12.85 1.37 -2.07
C ALA A 165 12.60 0.15 -1.20
N HIS A 166 13.43 -0.87 -1.44
CA HIS A 166 13.45 -2.11 -0.66
C HIS A 166 13.68 -1.80 0.82
N GLY A 167 12.77 -2.27 1.66
CA GLY A 167 12.86 -2.05 3.09
C GLY A 167 12.32 -0.71 3.57
N SER A 168 11.69 0.05 2.67
CA SER A 168 11.20 1.38 3.05
C SER A 168 9.81 1.38 3.70
N LEU A 169 9.57 2.41 4.50
CA LEU A 169 8.28 2.73 5.09
C LEU A 169 7.87 4.11 4.62
N LEU A 170 6.66 4.21 4.07
CA LEU A 170 6.01 5.47 3.77
C LEU A 170 4.79 5.57 4.68
N MET A 171 4.81 6.55 5.59
CA MET A 171 3.66 6.83 6.42
C MET A 171 2.84 7.89 5.72
N MET A 172 1.60 7.57 5.39
CA MET A 172 0.69 8.55 4.78
C MET A 172 -0.28 9.05 5.83
N ASN A 173 -0.14 10.33 6.16
CA ASN A 173 -0.91 10.92 7.24
C ASN A 173 -2.06 11.77 6.73
N HIS A 174 -3.14 11.81 7.49
N HIS A 174 -3.14 11.82 7.51
CA HIS A 174 -4.24 12.74 7.24
CA HIS A 174 -4.25 12.75 7.28
C HIS A 174 -3.68 14.16 7.11
C HIS A 174 -3.70 14.18 7.13
N PRO A 175 -4.21 14.96 6.15
CA PRO A 175 -5.28 14.65 5.20
C PRO A 175 -4.82 14.24 3.80
N THR A 176 -3.63 13.64 3.69
CA THR A 176 -3.10 13.23 2.38
C THR A 176 -4.18 12.51 1.57
N ASN A 177 -4.86 11.59 2.24
CA ASN A 177 -5.78 10.70 1.56
C ASN A 177 -7.13 11.33 1.19
N THR A 178 -7.37 12.55 1.69
CA THR A 178 -8.52 13.34 1.28
C THR A 178 -8.21 14.10 -0.01
N HIS A 179 -7.02 14.70 -0.07
CA HIS A 179 -6.70 15.67 -1.11
C HIS A 179 -5.84 15.16 -2.25
N TRP A 180 -5.24 13.98 -2.07
CA TRP A 180 -4.33 13.41 -3.05
C TRP A 180 -4.73 12.01 -3.45
N TYR A 181 -4.52 11.71 -4.72
CA TYR A 181 -4.63 10.34 -5.24
C TYR A 181 -3.22 9.81 -5.42
N HIS A 182 -3.02 8.53 -5.13
CA HIS A 182 -1.68 7.95 -5.33
C HIS A 182 -1.77 6.76 -6.26
N SER A 183 -0.65 6.45 -6.91
CA SER A 183 -0.57 5.37 -7.89
C SER A 183 0.82 4.79 -7.91
N LEU A 184 0.92 3.59 -8.47
CA LEU A 184 2.18 2.93 -8.74
C LEU A 184 2.14 2.65 -10.24
N PRO A 185 2.65 3.60 -11.05
CA PRO A 185 2.49 3.45 -12.51
C PRO A 185 3.28 2.30 -13.12
N VAL A 186 2.86 1.87 -14.30
CA VAL A 186 3.64 0.89 -15.09
C VAL A 186 5.04 1.44 -15.37
N ARG A 187 6.03 0.58 -15.15
CA ARG A 187 7.44 0.90 -15.41
C ARG A 187 8.03 -0.34 -16.09
N LYS A 188 7.98 -0.35 -17.42
CA LYS A 188 8.25 -1.57 -18.19
C LYS A 188 9.67 -2.08 -18.04
N LYS A 189 10.60 -1.22 -17.63
CA LYS A 189 12.01 -1.62 -17.48
C LYS A 189 12.25 -2.37 -16.15
N VAL A 190 11.26 -2.37 -15.27
CA VAL A 190 11.39 -3.10 -14.01
C VAL A 190 10.96 -4.54 -14.26
N LEU A 191 11.90 -5.47 -14.08
CA LEU A 191 11.67 -6.88 -14.43
C LEU A 191 11.44 -7.76 -13.20
N ALA A 192 11.67 -7.19 -12.01
CA ALA A 192 11.66 -7.93 -10.76
C ALA A 192 10.45 -7.62 -9.90
N PRO A 193 10.05 -8.58 -9.05
CA PRO A 193 8.86 -8.38 -8.21
C PRO A 193 9.04 -7.44 -7.02
N ARG A 194 7.92 -6.87 -6.58
CA ARG A 194 7.87 -6.04 -5.40
C ARG A 194 6.68 -6.50 -4.59
N VAL A 195 6.86 -6.58 -3.28
CA VAL A 195 5.75 -6.85 -2.38
C VAL A 195 5.52 -5.61 -1.51
N ASN A 196 4.32 -5.06 -1.55
N ASN A 196 4.31 -5.07 -1.56
CA ASN A 196 3.98 -3.92 -0.71
CA ASN A 196 3.93 -3.93 -0.73
C ASN A 196 2.95 -4.30 0.35
C ASN A 196 2.99 -4.40 0.38
N LEU A 197 3.17 -3.85 1.57
CA LEU A 197 2.27 -4.10 2.70
C LEU A 197 1.72 -2.77 3.17
N THR A 198 0.41 -2.64 3.10
N THR A 198 0.41 -2.57 3.03
CA THR A 198 -0.25 -1.44 3.54
CA THR A 198 -0.20 -1.37 3.59
C THR A 198 -1.00 -1.77 4.82
C THR A 198 -1.01 -1.72 4.82
N PHE A 199 -0.44 -1.34 5.96
CA PHE A 199 -1.01 -1.58 7.26
C PHE A 199 -2.06 -0.51 7.57
N ARG A 200 -3.15 -0.94 8.16
CA ARG A 200 -4.28 -0.06 8.43
C ARG A 200 -4.84 -0.36 9.79
N LYS A 201 -5.53 0.61 10.37
N LYS A 201 -5.55 0.63 10.33
CA LYS A 201 -6.28 0.38 11.60
CA LYS A 201 -6.30 0.48 11.56
C LYS A 201 -7.77 0.39 11.30
C LYS A 201 -7.78 0.40 11.18
N ILE A 202 -8.33 -0.81 11.17
CA ILE A 202 -9.74 -0.98 10.83
C ILE A 202 -10.58 -0.88 12.09
N LEU A 203 -11.79 -0.33 11.95
CA LEU A 203 -12.75 -0.28 13.04
C LEU A 203 -13.10 -1.68 13.52
N LEU A 204 -13.06 -1.85 14.86
CA LEU A 204 -13.53 -3.09 15.57
C LEU A 204 -12.35 -3.85 16.23
MN MN D . -3.62 3.08 -1.65
C1 AKG E . -3.13 0.30 -2.15
O1 AKG E . -4.01 0.96 -1.57
O2 AKG E . -3.34 -0.97 -2.42
C2 AKG E . -1.89 0.97 -2.55
O5 AKG E . -1.88 2.20 -2.56
C3 AKG E . -0.70 0.13 -2.93
C4 AKG E . 0.45 1.04 -3.34
C5 AKG E . 1.78 0.32 -3.37
O3 AKG E . 1.94 -0.78 -3.88
O4 AKG E . 2.80 0.98 -2.86
C1 GOL F . -2.58 -10.59 -12.98
O1 GOL F . -2.90 -10.87 -14.35
C2 GOL F . -1.09 -10.78 -12.70
O2 GOL F . -0.36 -9.87 -13.54
C3 GOL F . -0.80 -10.51 -11.22
O3 GOL F . 0.59 -10.69 -10.82
C1 GOL G . 8.54 17.40 -3.74
O1 GOL G . 8.97 16.46 -4.73
C2 GOL G . 8.78 16.80 -2.35
O2 GOL G . 10.16 16.97 -1.99
C3 GOL G . 7.88 17.53 -1.35
O3 GOL G . 8.35 17.36 -0.02
CA XL3 H . -5.64 3.93 -17.50
CB XL3 H . -6.24 4.00 -16.10
CC XL3 H . -5.27 4.60 -15.09
SG XL3 H . -4.08 3.35 -14.50
#